data_1DV4
#
_entry.id   1DV4
#
_cell.length_a   407.100
_cell.length_b   407.100
_cell.length_c   176.008
_cell.angle_alpha   90.0
_cell.angle_beta   90.0
_cell.angle_gamma   90.0
#
_symmetry.space_group_name_H-M   'P 41 21 2'
#
loop_
_entity.id
_entity.type
_entity.pdbx_description
1 polymer '16S RIBOSOMAL RNA'
2 polymer 'RIBOSOMAL PROTEIN S5'
3 polymer 'RIBOSOMAL PROTEIN S7'
4 non-polymer 'OCTADECATUNGSTENYL DIPHOSPHATE'
#
loop_
_entity_poly.entity_id
_entity_poly.type
_entity_poly.pdbx_seq_one_letter_code
_entity_poly.pdbx_strand_id
1 'polyribonucleotide'
;(N)(N)(N)(N)(N)(N)(N)(N)(N)(N)(N)(N)(N)(N)(N)(N)(N)(N)(N)(N)(N)(N)(N)(N)(N)(N)
(N)(N)(N)(N)(N)(N)(N)(N)(N)(N)(N)(N)(N)(N)(N)(N)(N)(N)(N)(N)(N)(N)(N)(N)(N)(N)
(N)(N)(N)(N)(N)(N)(N)(N)(N)(N)(N)(N)(N)(N)(N)(N)(N)(N)(N)(N)(N)(N)(N)(N)(N)(N)
(N)(N)(N)(N)(N)(N)(N)(N)(N)(N)(N)(N)(N)(N)(N)(N)(N)(N)(N)(N)(N)(N)(N)(N)(N)(N)
(N)(N)(N)(N)(N)(N)(N)(N)(N)(N)(N)(N)(N)(N)(N)(N)(N)(N)(N)(N)(N)(N)(N)(N)(N)(N)
(N)(N)(N)(N)(N)(N)(N)(N)(N)(N)(N)(N)(N)(N)(N)(N)(N)(N)(N)(N)(N)(N)(N)(N)(N)(N)
(N)(N)(N)(N)(N)(N)(N)(N)(N)(N)(N)(N)(N)(N)(N)(N)(N)(N)(N)(N)(N)(N)(N)(N)(N)(N)
(N)(N)(N)(N)(N)(N)(N)(N)(N)(N)(N)(N)(N)(N)(N)(N)(N)(N)(N)(N)(N)(N)(N)(N)(N)(N)
(N)(N)(N)(N)(N)(N)(N)(N)(N)(N)(N)(N)(N)(N)(N)(N)(N)(N)(N)(N)(N)(N)(N)(N)(N)(N)
(N)(N)(N)(N)(N)(N)(N)(N)(N)(N)(N)(N)(N)(N)(N)(N)(N)(N)(N)(N)(N)(N)(N)(N)(N)(N)
(N)(N)(N)(N)(N)(N)(N)(N)(N)(N)(N)(N)(N)(N)(N)(N)(N)(N)(N)(N)(N)(N)(N)(N)(N)(N)
(N)(N)(N)(N)(N)(N)(N)(N)(N)(N)(N)(N)(N)(N)(N)(N)(N)(N)(N)(N)(N)(N)(N)(N)(N)(N)
(N)(N)(N)(N)(N)(N)(N)(N)(N)(N)(N)(N)(N)(N)(N)(N)(N)(N)(N)(N)(N)(N)(N)(N)(N)(N)
(N)(N)(N)(N)(N)(N)(N)(N)(N)(N)(N)(N)(N)(N)(N)(N)(N)(N)(N)(N)(N)(N)(N)(N)
;
A
2 'polypeptide(L)'
;INPNKLELEERVVAVNRVAKVVKGGRRLRFSALVVVGDKNGHVGFGTGKAQEVPEAIRKAIEDAKKNLIEVPIVGTTIPH
EVIGHFGAGEIILKPASEGTGVIAGGPARAVLELAGISDILSKSIGSNTPINMVRATFDGLKQLK
;
E
3 'polypeptide(L)'
;LQPDLVYGDVLVTAFINKIMRDGKKNLAARIFYDACKIIQEKTGQEPLKVFKQAVENVKPRMEVRSRRVGGANYQVPMEV
SPRRQQSLALRWLVQAANQRPERRAAVRIAHELMDAAEGKGGAVKKKEDVERMAE
;
G
#
# COMPACT_ATOMS: atom_id res chain seq x y z
CA ILE B 1 35.02 28.70 -25.47
CA ASN B 2 35.19 25.76 -27.96
CA PRO B 3 36.61 22.66 -26.13
CA ASN B 4 37.52 20.96 -29.37
CA LYS B 5 40.12 23.64 -30.19
CA LEU B 6 41.87 23.06 -26.85
CA GLU B 7 43.97 20.12 -25.70
CA LEU B 8 42.42 19.53 -22.30
CA GLU B 9 43.90 17.50 -19.36
CA GLU B 10 41.19 15.66 -17.30
CA ARG B 11 41.55 15.08 -13.58
CA VAL B 12 39.15 13.15 -11.32
CA VAL B 13 38.88 15.03 -7.94
CA ALA B 14 36.17 12.97 -6.19
CA VAL B 15 34.08 9.82 -6.67
CA ASN B 16 31.15 9.05 -4.43
CA ARG B 17 29.34 5.91 -3.39
CA VAL B 18 29.34 2.57 -1.78
CA ALA B 19 31.00 3.32 1.64
CA LYS B 20 30.13 6.89 0.46
CA VAL B 21 33.43 8.67 -0.47
CA VAL B 22 35.49 6.25 -2.56
CA LYS B 23 37.36 8.53 -4.81
CA GLY B 24 37.11 5.38 -7.15
CA GLY B 25 35.65 1.84 -6.60
CA ARG B 26 32.57 -0.57 -6.94
CA ARG B 27 28.66 -1.33 -6.19
CA LEU B 28 25.20 0.59 -6.81
CA ARG B 29 25.09 4.35 -7.90
CA PHE B 30 28.14 6.72 -8.29
CA SER B 31 28.86 10.44 -8.84
CA ALA B 32 32.21 11.82 -10.10
CA LEU B 33 33.64 15.37 -9.92
CA VAL B 34 36.12 16.14 -12.76
CA VAL B 35 38.12 19.35 -13.51
CA VAL B 36 39.51 19.75 -17.08
CA GLY B 37 41.85 22.48 -18.37
CA ASP B 38 44.66 23.37 -20.75
CA LYS B 39 47.28 24.99 -18.43
CA ASN B 40 46.66 28.18 -20.43
CA GLY B 41 43.79 29.94 -18.71
CA HIS B 42 40.89 27.61 -19.57
CA VAL B 43 39.40 25.35 -16.79
CA GLY B 44 35.92 23.91 -16.32
CA PHE B 45 34.52 21.44 -13.73
CA GLY B 46 31.72 18.90 -14.03
CA THR B 47 29.70 16.36 -12.19
CA GLY B 48 28.35 12.99 -13.48
CA LYS B 49 26.03 10.27 -11.97
CA ALA B 50 25.54 6.66 -13.21
CA GLN B 51 25.53 3.01 -11.83
CA GLU B 52 29.03 2.51 -13.07
CA VAL B 53 32.23 4.71 -12.14
CA PRO B 54 33.51 4.89 -15.83
CA GLU B 55 30.15 6.32 -17.14
CA ALA B 56 29.85 8.80 -14.28
CA ILE B 57 33.39 9.97 -15.11
CA ARG B 58 32.61 10.18 -18.89
CA LYS B 59 29.53 12.30 -18.08
CA ALA B 60 31.40 14.53 -15.66
CA ILE B 61 33.96 15.17 -18.42
CA GLU B 62 31.25 16.09 -20.99
CA ASP B 63 29.75 18.46 -18.42
CA ALA B 64 33.09 20.16 -17.54
CA LYS B 65 33.74 20.72 -21.25
CA LYS B 66 30.48 22.67 -21.37
CA ASN B 67 31.41 24.85 -18.44
CA LEU B 68 34.78 26.20 -19.51
CA ILE B 69 35.93 29.63 -18.24
CA GLU B 70 38.90 31.73 -19.20
CA VAL B 71 41.11 33.10 -16.45
CA PRO B 72 43.60 36.00 -16.60
CA ILE B 73 47.09 34.97 -15.45
CA VAL B 74 50.01 37.40 -15.16
CA GLY B 75 53.29 35.47 -15.43
CA THR B 76 52.61 32.51 -13.13
CA THR B 77 49.95 34.05 -10.76
CA ILE B 78 46.61 35.88 -10.75
CA PRO B 79 46.14 39.67 -11.30
CA HIS B 80 44.59 40.36 -7.80
CA GLU B 81 42.90 39.08 -4.61
CA VAL B 82 39.45 37.51 -4.85
CA ILE B 83 37.08 35.54 -2.48
CA GLY B 84 35.10 32.68 -3.98
CA HIS B 85 31.92 31.72 -2.21
CA PHE B 86 29.67 28.85 -3.37
CA GLY B 87 27.44 27.13 -0.90
CA ALA B 88 29.38 26.09 2.18
CA GLY B 89 32.69 26.73 0.45
CA GLU B 90 34.57 29.99 0.62
CA ILE B 91 38.20 30.51 -0.35
CA ILE B 92 40.47 33.54 -0.52
CA LEU B 93 42.94 33.60 -3.41
CA LYS B 94 45.97 36.00 -3.52
CA PRO B 95 48.88 36.73 -6.02
CA ALA B 96 52.20 35.23 -4.89
CA SER B 97 55.65 35.90 -6.27
CA GLU B 98 57.39 33.57 -8.62
CA GLY B 99 58.72 30.84 -6.40
CA THR B 100 55.81 30.41 -3.93
CA GLY B 101 53.92 27.40 -5.29
CA VAL B 102 50.17 26.68 -5.34
CA ILE B 103 49.62 26.80 -1.60
CA ALA B 104 46.19 25.19 -1.62
CA GLY B 105 44.35 21.98 -0.59
CA GLY B 106 44.28 19.24 -3.26
CA PRO B 107 40.80 19.84 -4.83
CA ALA B 108 41.60 23.51 -5.10
CA ARG B 109 45.18 22.74 -6.33
CA ALA B 110 43.58 20.67 -9.17
CA VAL B 111 41.55 23.63 -10.39
CA LEU B 112 44.50 26.12 -10.06
CA GLU B 113 47.02 23.90 -11.84
CA LEU B 114 44.68 23.08 -14.74
CA ALA B 115 43.95 26.77 -15.25
CA GLY B 116 47.75 27.26 -15.55
CA ILE B 117 48.51 29.09 -12.25
CA SER B 118 51.75 28.11 -10.55
CA ASP B 119 52.29 30.56 -7.66
CA ILE B 120 49.26 31.58 -5.53
CA LEU B 121 48.24 31.74 -1.88
CA SER B 122 44.79 30.51 -0.96
CA LYS B 123 43.05 30.42 2.44
CA SER B 124 40.04 28.12 2.91
CA ILE B 125 37.39 29.72 5.03
CA GLY B 126 34.57 27.08 4.69
CA SER B 127 33.84 23.45 3.82
CA ASN B 128 36.95 21.59 2.75
CA THR B 129 35.11 18.74 0.95
CA PRO B 130 36.04 18.47 -2.79
CA ILE B 131 32.70 19.66 -4.32
CA ASN B 132 32.75 22.76 -2.05
CA MET B 133 36.46 23.63 -2.60
CA VAL B 134 36.13 23.22 -6.34
CA ARG B 135 32.97 25.25 -6.83
CA ALA B 136 34.19 28.06 -4.54
CA THR B 137 37.71 28.22 -6.18
CA PHE B 138 35.87 28.41 -9.47
CA ASP B 139 33.70 31.27 -8.24
CA GLY B 140 36.85 33.17 -7.25
CA LEU B 141 38.47 32.59 -10.62
CA LYS B 142 35.35 33.92 -12.39
CA GLN B 143 35.59 37.17 -10.51
CA LEU B 144 39.16 38.06 -11.70
CA LYS B 145 39.40 41.03 -14.13
CA LEU C 1 -28.61 -25.08 0.78
CA GLN C 2 -29.52 -26.75 -2.50
CA PRO C 3 -33.00 -26.05 -3.85
CA ASP C 4 -35.37 -28.99 -3.31
CA LEU C 5 -36.16 -31.49 -6.10
CA VAL C 6 -39.85 -30.70 -6.71
CA TYR C 7 -40.16 -26.95 -6.05
CA GLY C 8 -36.51 -25.92 -6.50
CA ASP C 9 -36.77 -24.01 -3.24
CA VAL C 10 -34.15 -23.66 -0.49
CA LEU C 11 -36.61 -22.93 2.32
CA VAL C 12 -38.22 -26.29 1.50
CA THR C 13 -34.80 -27.98 1.81
CA ALA C 14 -34.19 -26.37 5.22
CA PHE C 15 -37.58 -27.66 6.41
CA ILE C 16 -36.92 -31.15 5.09
CA ASN C 17 -33.65 -30.99 7.09
CA LYS C 18 -35.68 -30.16 10.21
CA ILE C 19 -38.11 -33.02 9.64
CA MET C 20 -35.12 -35.32 8.99
CA ARG C 21 -33.76 -37.75 11.57
CA ASP C 22 -31.08 -40.47 11.34
CA GLY C 23 -29.87 -38.63 8.26
CA LYS C 24 -32.71 -40.10 6.23
CA LYS C 25 -33.38 -37.26 3.76
CA ASN C 26 -35.15 -39.96 1.76
CA LEU C 27 -38.01 -40.38 4.24
CA ALA C 28 -38.02 -36.68 5.20
CA ALA C 29 -38.60 -35.49 1.62
CA ARG C 30 -41.41 -38.00 1.10
CA ILE C 31 -42.98 -36.82 4.36
CA PHE C 32 -42.89 -33.18 3.24
CA TYR C 33 -44.23 -33.75 -0.30
CA ASP C 34 -47.00 -36.00 1.10
CA ALA C 35 -47.91 -33.19 3.52
CA CYS C 36 -48.06 -30.92 0.47
CA LYS C 37 -50.36 -33.40 -1.27
CA ILE C 38 -52.57 -33.40 1.80
CA ILE C 39 -52.67 -29.62 1.81
CA GLN C 40 -53.70 -29.45 -1.86
CA GLU C 41 -56.29 -32.25 -1.58
CA LYS C 42 -57.80 -30.64 1.52
CA THR C 43 -57.65 -26.93 0.53
CA GLY C 44 -57.27 -26.95 -3.24
CA GLN C 45 -54.57 -24.33 -2.70
CA GLU C 46 -50.99 -24.56 -3.97
CA PRO C 47 -49.11 -26.24 -1.07
CA LEU C 48 -45.90 -24.29 -1.73
CA LYS C 49 -47.75 -21.02 -1.12
CA VAL C 50 -49.29 -22.43 2.07
CA PHE C 51 -45.92 -23.66 3.36
CA LYS C 52 -44.31 -20.25 2.74
CA GLN C 53 -47.14 -18.32 4.40
CA ALA C 54 -46.94 -20.68 7.40
CA VAL C 55 -43.21 -19.98 7.78
CA GLU C 56 -43.68 -16.22 7.40
CA ASN C 57 -46.39 -16.14 10.11
CA VAL C 58 -44.17 -17.98 12.60
CA LYS C 59 -41.12 -15.74 12.09
CA PRO C 60 -40.26 -13.82 15.28
CA ARG C 61 -39.10 -10.21 14.81
CA MET C 62 -38.08 -9.54 18.41
CA GLU C 63 -37.07 -11.91 21.24
CA VAL C 64 -35.58 -12.02 24.74
CA ARG C 65 -32.43 -13.89 23.81
CA SER C 66 -30.63 -16.17 26.27
CA ARG C 67 -26.91 -15.40 26.24
CA ARG C 68 -23.96 -16.25 28.44
CA VAL C 69 -21.59 -13.36 29.03
CA GLY C 70 -18.48 -13.57 31.21
CA GLY C 71 -19.62 -16.85 32.72
CA ALA C 72 -23.11 -15.62 33.63
CA ASN C 73 -26.47 -16.24 32.01
CA TYR C 74 -28.40 -13.21 30.75
CA GLN C 75 -31.66 -12.49 28.90
CA VAL C 76 -31.26 -9.76 26.34
CA PRO C 77 -34.16 -8.11 24.45
CA MET C 78 -33.16 -7.82 20.78
CA GLU C 79 -34.21 -7.98 17.15
CA VAL C 80 -33.99 -11.33 15.40
CA SER C 81 -31.68 -11.61 12.39
CA PRO C 82 -33.34 -12.88 9.20
CA ARG C 83 -31.20 -16.06 9.56
CA ARG C 84 -32.44 -16.76 13.05
CA GLN C 85 -36.02 -15.83 12.05
CA GLN C 86 -36.02 -18.79 9.68
CA SER C 87 -34.33 -21.25 12.06
CA LEU C 88 -36.77 -20.31 14.82
CA ALA C 89 -39.77 -20.48 12.42
CA LEU C 90 -38.84 -23.95 11.15
CA ARG C 91 -37.97 -25.18 14.66
CA TRP C 92 -41.32 -24.14 16.13
CA LEU C 93 -43.27 -25.52 13.16
CA VAL C 94 -41.65 -28.94 13.61
CA GLN C 95 -41.93 -28.79 17.42
CA ALA C 96 -45.67 -28.09 17.22
CA ALA C 97 -46.36 -30.65 14.50
CA ASN C 98 -44.41 -33.11 16.63
CA GLN C 99 -47.09 -32.82 19.33
CA ARG C 100 -50.07 -33.05 16.99
CA PRO C 101 -52.42 -36.02 17.67
CA GLU C 102 -52.23 -37.72 14.23
CA ARG C 103 -50.33 -40.96 13.63
CA ARG C 104 -48.75 -40.02 10.29
CA ALA C 105 -45.98 -37.40 10.35
CA ALA C 106 -47.10 -36.05 6.98
CA VAL C 107 -50.59 -35.47 8.39
CA ARG C 108 -49.26 -33.74 11.55
CA ILE C 109 -47.11 -31.51 9.37
CA ALA C 110 -49.92 -30.69 6.90
CA HIS C 111 -52.25 -29.78 9.78
CA GLU C 112 -49.68 -27.55 11.50
CA LEU C 113 -48.79 -25.78 8.23
CA MET C 114 -52.43 -25.08 7.37
CA ASP C 115 -53.05 -23.66 10.85
CA ALA C 116 -49.96 -21.46 10.80
CA ALA C 117 -50.76 -20.14 7.29
CA GLU C 118 -54.14 -19.05 8.69
CA GLY C 119 -52.34 -17.40 11.62
CA LYS C 120 -53.29 -20.01 14.24
CA GLY C 121 -51.75 -22.98 16.06
CA GLY C 122 -48.96 -23.48 18.59
CA ALA C 123 -46.08 -22.39 16.37
CA VAL C 124 -47.76 -19.03 15.73
CA LYS C 125 -48.69 -18.78 19.43
CA LYS C 126 -45.02 -19.37 20.38
CA LYS C 127 -43.94 -16.55 18.06
CA GLU C 128 -46.57 -14.22 19.58
CA ASP C 129 -45.46 -15.09 23.14
CA VAL C 130 -41.79 -14.53 22.22
CA GLU C 131 -42.47 -11.10 20.70
CA ARG C 132 -44.76 -10.21 23.61
CA MET C 133 -42.01 -11.05 26.10
CA ALA C 134 -39.54 -8.95 24.12
CA GLU C 135 -41.93 -5.99 23.92
#